data_3LB9
#
_entry.id   3LB9
#
_cell.length_a   69.810
_cell.length_b   114.970
_cell.length_c   65.030
_cell.angle_alpha   90.00
_cell.angle_beta   113.47
_cell.angle_gamma   90.00
#
_symmetry.space_group_name_H-M   'C 1 2 1'
#
loop_
_entity.id
_entity.type
_entity.pdbx_description
1 polymer Endo-1,4-beta-xylanase
2 water water
#
_entity_poly.entity_id   1
_entity_poly.type   'polypeptide(L)'
_entity_poly.pdbx_seq_one_letter_code
;ATFTQYWSVRQSKRPTGSNATITFTNHVNAWKSHGMNLGSNWAYQVMATEGYQSSGSSNVTVWGASTDYWQNWTDGGGIV
NAVNGSGGNYSVNWSNTGNFVVGKGWTTGSPFRTINYNAGVWAPNGNGYLTLYGWTRSPLIEYYVVDSWGTYRPTGTYKG
TVKSDGGTYDIYTTTRYNAPSI
;
_entity_poly.pdbx_strand_id   A,B,C
#
# COMPACT_ATOMS: atom_id res chain seq x y z
N ALA A 1 -1.65 4.30 27.67
CA ALA A 1 -2.55 3.58 28.57
C ALA A 1 -2.61 2.10 28.23
N THR A 2 -2.89 1.28 29.24
CA THR A 2 -3.02 -0.15 29.04
C THR A 2 -4.50 -0.55 29.13
N PHE A 3 -4.98 -1.28 28.13
CA PHE A 3 -6.40 -1.66 28.07
C PHE A 3 -6.67 -2.85 27.16
N THR A 4 -7.84 -3.44 27.33
CA THR A 4 -8.27 -4.62 26.56
C THR A 4 -9.12 -4.19 25.36
N GLN A 5 -9.02 -4.94 24.27
CA GLN A 5 -9.81 -4.68 23.07
C GLN A 5 -10.76 -5.83 22.81
N TYR A 6 -12.01 -5.52 22.48
CA TYR A 6 -12.97 -6.55 22.08
C TYR A 6 -13.09 -6.60 20.57
N TRP A 7 -13.15 -7.80 20.02
CA TRP A 7 -13.20 -7.97 18.56
C TRP A 7 -14.32 -8.90 18.11
N SER A 8 -15.01 -8.48 17.06
CA SER A 8 -15.89 -9.35 16.30
C SER A 8 -15.41 -9.32 14.85
N VAL A 9 -14.91 -10.44 14.35
CA VAL A 9 -14.28 -10.48 13.05
C VAL A 9 -14.88 -11.54 12.13
N ARG A 10 -15.58 -11.10 11.09
CA ARG A 10 -16.14 -12.02 10.10
C ARG A 10 -15.13 -13.07 9.68
N GLN A 11 -15.61 -14.29 9.45
CA GLN A 11 -14.76 -15.38 9.01
C GLN A 11 -14.41 -15.22 7.53
N SER A 12 -14.96 -14.19 6.90
CA SER A 12 -14.65 -13.87 5.52
C SER A 12 -15.11 -12.46 5.16
N LYS A 13 -14.25 -11.73 4.44
CA LYS A 13 -14.56 -10.36 4.04
C LYS A 13 -15.97 -10.21 3.48
N ARG A 14 -16.73 -9.31 4.09
CA ARG A 14 -18.13 -9.10 3.74
C ARG A 14 -18.27 -8.34 2.42
N PRO A 15 -19.25 -8.73 1.60
CA PRO A 15 -19.54 -8.03 0.34
C PRO A 15 -19.77 -6.54 0.58
N THR A 16 -19.24 -5.70 -0.31
CA THR A 16 -19.41 -4.26 -0.18
C THR A 16 -19.99 -3.65 -1.46
N GLY A 17 -21.14 -3.00 -1.33
CA GLY A 17 -21.79 -2.38 -2.46
C GLY A 17 -23.27 -2.16 -2.18
N SER A 18 -23.82 -3.01 -1.31
CA SER A 18 -25.21 -2.89 -0.87
C SER A 18 -25.24 -2.54 0.61
N ASN A 19 -26.41 -2.17 1.10
CA ASN A 19 -26.58 -1.84 2.51
C ASN A 19 -26.31 -3.05 3.38
N ALA A 20 -25.43 -2.91 4.36
CA ALA A 20 -25.18 -3.96 5.33
C ALA A 20 -25.65 -3.53 6.71
N THR A 21 -26.07 -4.50 7.53
CA THR A 21 -26.60 -4.18 8.85
C THR A 21 -25.78 -4.84 9.96
N ILE A 22 -25.48 -4.07 11.00
CA ILE A 22 -24.78 -4.60 12.18
C ILE A 22 -25.65 -4.45 13.42
N THR A 23 -26.39 -5.50 13.74
CA THR A 23 -27.18 -5.52 14.97
C THR A 23 -26.23 -5.66 16.16
N PHE A 24 -25.91 -4.53 16.79
CA PHE A 24 -24.85 -4.48 17.79
C PHE A 24 -25.17 -5.23 19.08
N THR A 25 -26.45 -5.30 19.42
CA THR A 25 -26.87 -5.96 20.66
C THR A 25 -26.55 -7.45 20.61
N ASN A 26 -26.42 -8.00 19.41
CA ASN A 26 -26.03 -9.40 19.24
C ASN A 26 -24.58 -9.63 19.66
N HIS A 27 -23.71 -8.70 19.27
CA HIS A 27 -22.29 -8.80 19.61
C HIS A 27 -22.05 -8.50 21.09
N VAL A 28 -22.85 -7.59 21.64
CA VAL A 28 -22.73 -7.21 23.05
C VAL A 28 -23.02 -8.39 23.97
N ASN A 29 -24.15 -9.06 23.72
CA ASN A 29 -24.54 -10.22 24.53
C ASN A 29 -23.59 -11.40 24.35
N ALA A 30 -23.14 -11.62 23.11
CA ALA A 30 -22.19 -12.68 22.83
C ALA A 30 -20.89 -12.45 23.59
N TRP A 31 -20.52 -11.18 23.74
CA TRP A 31 -19.32 -10.84 24.49
C TRP A 31 -19.55 -11.02 25.99
N LYS A 32 -20.75 -10.64 26.45
CA LYS A 32 -21.13 -10.85 27.84
C LYS A 32 -21.05 -12.32 28.24
N SER A 33 -21.49 -13.19 27.36
CA SER A 33 -21.52 -14.62 27.64
C SER A 33 -20.12 -15.19 27.82
N HIS A 34 -19.11 -14.47 27.34
CA HIS A 34 -17.73 -14.91 27.47
C HIS A 34 -16.95 -14.06 28.46
N GLY A 35 -17.67 -13.37 29.35
CA GLY A 35 -17.04 -12.58 30.39
C GLY A 35 -16.40 -11.29 29.89
N MET A 36 -16.86 -10.84 28.72
CA MET A 36 -16.35 -9.60 28.15
C MET A 36 -17.38 -8.48 28.32
N ASN A 37 -17.16 -7.63 29.32
CA ASN A 37 -18.09 -6.56 29.64
C ASN A 37 -17.57 -5.17 29.28
N LEU A 38 -18.45 -4.34 28.75
CA LEU A 38 -18.08 -2.98 28.34
C LEU A 38 -18.14 -2.00 29.50
N GLY A 39 -17.67 -0.78 29.26
CA GLY A 39 -17.65 0.25 30.28
C GLY A 39 -18.98 0.94 30.47
N SER A 40 -19.19 1.48 31.66
CA SER A 40 -20.44 2.17 31.99
C SER A 40 -20.49 3.55 31.34
N ASN A 41 -19.33 4.04 30.92
CA ASN A 41 -19.26 5.36 30.26
C ASN A 41 -19.02 5.22 28.76
N TRP A 42 -19.99 5.62 27.95
CA TRP A 42 -19.89 5.43 26.51
C TRP A 42 -19.33 6.65 25.79
N ALA A 43 -18.29 6.41 24.98
CA ALA A 43 -17.71 7.44 24.13
C ALA A 43 -18.43 7.44 22.79
N TYR A 44 -17.73 7.84 21.74
CA TYR A 44 -18.30 7.88 20.41
C TYR A 44 -18.46 6.49 19.81
N GLN A 45 -19.09 6.41 18.63
CA GLN A 45 -19.42 5.13 18.02
C GLN A 45 -19.70 5.32 16.53
N VAL A 46 -18.81 4.80 15.69
CA VAL A 46 -18.90 5.05 14.26
C VAL A 46 -18.68 3.79 13.42
N MET A 47 -19.08 3.87 12.15
CA MET A 47 -18.72 2.87 11.16
C MET A 47 -17.50 3.41 10.42
N ALA A 48 -16.31 3.04 10.89
CA ALA A 48 -15.10 3.74 10.49
C ALA A 48 -14.18 2.99 9.52
N THR A 49 -13.18 3.71 9.01
CA THR A 49 -12.14 3.12 8.19
C THR A 49 -10.80 3.20 8.94
N GLU A 50 -10.47 2.13 9.65
CA GLU A 50 -9.21 2.07 10.42
C GLU A 50 -8.05 1.59 9.54
N GLY A 51 -6.97 2.37 9.51
CA GLY A 51 -5.82 2.02 8.69
C GLY A 51 -4.52 2.06 9.47
N TYR A 52 -3.54 1.28 9.01
CA TYR A 52 -2.22 1.26 9.62
C TYR A 52 -1.15 0.74 8.66
N GLN A 53 -0.08 1.52 8.51
CA GLN A 53 1.01 1.17 7.61
C GLN A 53 0.47 0.72 6.26
N SER A 54 -0.30 1.60 5.61
CA SER A 54 -0.98 1.24 4.38
C SER A 54 -1.43 2.45 3.56
N SER A 55 -1.87 2.17 2.34
CA SER A 55 -2.48 3.17 1.48
C SER A 55 -3.72 2.54 0.86
N GLY A 56 -4.69 3.35 0.48
CA GLY A 56 -5.92 2.83 -0.11
C GLY A 56 -6.99 3.87 -0.34
N SER A 57 -8.23 3.39 -0.49
CA SER A 57 -9.36 4.26 -0.76
C SER A 57 -10.67 3.61 -0.30
N SER A 58 -11.51 4.39 0.37
CA SER A 58 -12.81 3.89 0.84
C SER A 58 -13.89 4.96 0.66
N ASN A 59 -15.14 4.52 0.64
CA ASN A 59 -16.28 5.42 0.53
C ASN A 59 -17.47 4.82 1.26
N VAL A 60 -17.75 5.33 2.45
CA VAL A 60 -18.80 4.76 3.29
C VAL A 60 -19.96 5.72 3.53
N THR A 61 -21.14 5.16 3.75
CA THR A 61 -22.34 5.97 4.03
C THR A 61 -23.12 5.38 5.18
N VAL A 62 -23.45 6.22 6.17
CA VAL A 62 -24.17 5.76 7.34
C VAL A 62 -25.47 6.54 7.58
N TRP A 63 -26.53 5.78 7.49
CA TRP A 63 -27.86 6.18 7.37
C TRP A 63 -28.46 6.33 8.70
N GLY A 64 -29.26 7.33 8.88
CA GLY A 64 -29.78 7.68 10.17
C GLY A 64 -30.34 9.01 9.85
N ALA A 65 -31.40 9.41 10.47
CA ALA A 65 -31.76 10.79 10.48
C ALA A 65 -30.80 11.38 11.48
N SER A 66 -30.52 10.55 12.44
CA SER A 66 -29.95 10.95 13.63
C SER A 66 -28.54 10.63 13.78
N THR A 67 -27.72 10.64 12.74
CA THR A 67 -26.30 10.45 12.97
C THR A 67 -25.66 11.77 13.06
N ASP A 68 -24.90 12.04 14.11
CA ASP A 68 -24.34 13.35 14.26
C ASP A 68 -22.86 13.44 14.26
N TYR A 69 -22.21 12.42 14.70
CA TYR A 69 -20.79 12.52 15.01
C TYR A 69 -19.88 12.27 13.81
N TRP A 70 -18.82 13.06 13.71
CA TRP A 70 -17.83 12.90 12.65
C TRP A 70 -16.45 12.62 13.23
N GLN A 71 -15.94 11.41 12.98
CA GLN A 71 -14.65 11.00 13.51
C GLN A 71 -13.57 11.04 12.44
N ASN A 72 -12.53 11.83 12.67
CA ASN A 72 -11.41 11.96 11.74
C ASN A 72 -10.10 12.13 12.49
N TRP A 73 -9.45 11.02 12.82
CA TRP A 73 -8.22 11.04 13.62
C TRP A 73 -7.03 10.45 12.87
N THR A 74 -5.83 10.89 13.23
CA THR A 74 -4.59 10.41 12.63
C THR A 74 -3.38 10.85 13.44
N ASP A 75 -2.50 9.91 13.75
CA ASP A 75 -1.30 10.20 14.52
C ASP A 75 -0.25 10.93 13.68
N GLY A 76 -0.66 11.36 12.49
CA GLY A 76 0.19 12.15 11.62
C GLY A 76 1.49 11.49 11.20
N GLY A 77 1.40 10.24 10.73
CA GLY A 77 2.56 9.52 10.25
C GLY A 77 2.59 9.42 8.74
N GLY A 78 1.43 9.56 8.13
CA GLY A 78 1.31 9.52 6.68
C GLY A 78 0.30 10.53 6.17
N ILE A 79 0.00 10.46 4.87
CA ILE A 79 -0.96 11.36 4.26
C ILE A 79 -2.38 10.79 4.35
N VAL A 80 -3.31 11.59 4.86
CA VAL A 80 -4.68 11.14 5.05
C VAL A 80 -5.69 12.17 4.54
N ASN A 81 -6.32 11.87 3.40
CA ASN A 81 -7.34 12.74 2.84
C ASN A 81 -8.74 12.27 3.24
N ALA A 82 -9.29 12.89 4.28
CA ALA A 82 -10.61 12.52 4.78
C ALA A 82 -11.62 13.63 4.56
N VAL A 83 -12.59 13.36 3.69
CA VAL A 83 -13.61 14.35 3.35
C VAL A 83 -14.93 14.08 4.07
N ASN A 84 -15.38 15.05 4.86
CA ASN A 84 -16.66 14.95 5.55
C ASN A 84 -17.82 15.18 4.58
N GLY A 85 -18.32 14.10 3.99
CA GLY A 85 -19.38 14.18 3.01
C GLY A 85 -20.70 14.72 3.57
N SER A 86 -21.71 14.77 2.73
CA SER A 86 -23.03 15.26 3.14
C SER A 86 -23.88 14.12 3.70
N GLY A 87 -24.54 14.38 4.82
CA GLY A 87 -25.35 13.37 5.48
C GLY A 87 -24.50 12.43 6.32
N GLY A 88 -24.44 11.16 5.90
CA GLY A 88 -23.65 10.17 6.60
C GLY A 88 -22.53 9.64 5.72
N ASN A 89 -22.34 10.28 4.57
CA ASN A 89 -21.33 9.87 3.60
C ASN A 89 -19.96 10.46 3.90
N TYR A 90 -18.92 9.76 3.44
CA TYR A 90 -17.54 10.23 3.56
C TYR A 90 -16.60 9.34 2.76
N SER A 91 -15.45 9.88 2.39
CA SER A 91 -14.44 9.13 1.65
C SER A 91 -13.07 9.30 2.30
N VAL A 92 -12.15 8.41 1.96
CA VAL A 92 -10.79 8.48 2.52
C VAL A 92 -9.73 8.06 1.50
N ASN A 93 -8.79 8.96 1.23
CA ASN A 93 -7.64 8.64 0.40
C ASN A 93 -6.36 8.71 1.24
N TRP A 94 -5.90 7.56 1.73
CA TRP A 94 -4.73 7.54 2.60
C TRP A 94 -3.51 6.96 1.90
N SER A 95 -2.34 7.45 2.29
CA SER A 95 -1.09 7.04 1.64
C SER A 95 0.06 6.89 2.64
N ASN A 96 0.72 5.73 2.58
CA ASN A 96 1.83 5.40 3.46
C ASN A 96 1.65 5.96 4.86
N THR A 97 0.45 5.73 5.42
CA THR A 97 0.10 6.26 6.72
C THR A 97 0.57 5.36 7.85
N GLY A 98 0.36 5.82 9.07
CA GLY A 98 0.51 4.99 10.25
C GLY A 98 -0.88 4.60 10.71
N ASN A 99 -1.27 5.03 11.90
CA ASN A 99 -2.58 4.73 12.41
C ASN A 99 -3.57 5.88 12.19
N PHE A 100 -4.81 5.55 11.88
CA PHE A 100 -5.86 6.55 11.71
C PHE A 100 -7.26 5.93 11.75
N VAL A 101 -8.24 6.73 12.15
CA VAL A 101 -9.63 6.28 12.19
C VAL A 101 -10.54 7.34 11.59
N VAL A 102 -11.29 6.97 10.55
CA VAL A 102 -12.21 7.89 9.90
C VAL A 102 -13.59 7.26 9.74
N GLY A 103 -14.61 7.90 10.30
CA GLY A 103 -15.97 7.41 10.20
C GLY A 103 -17.00 8.37 10.78
N LYS A 104 -18.25 8.15 10.41
CA LYS A 104 -19.35 8.97 10.91
C LYS A 104 -20.32 8.08 11.68
N GLY A 105 -20.76 8.56 12.84
CA GLY A 105 -21.63 7.76 13.70
C GLY A 105 -22.37 8.56 14.75
N TRP A 106 -22.07 8.28 16.01
CA TRP A 106 -22.83 8.87 17.11
C TRP A 106 -21.94 9.36 18.26
N THR A 107 -22.22 10.56 18.74
CA THR A 107 -21.48 11.16 19.84
C THR A 107 -21.43 10.23 21.04
N THR A 108 -22.55 9.58 21.33
CA THR A 108 -22.65 8.66 22.45
C THR A 108 -23.02 7.25 22.00
N GLY A 109 -22.18 6.27 22.35
CA GLY A 109 -22.41 4.90 21.96
C GLY A 109 -23.52 4.22 22.74
N SER A 110 -24.25 3.35 22.06
CA SER A 110 -25.34 2.62 22.68
C SER A 110 -25.17 1.11 22.50
N PRO A 111 -25.29 0.35 23.60
CA PRO A 111 -25.22 -1.12 23.56
C PRO A 111 -26.40 -1.71 22.79
N PHE A 112 -27.32 -0.85 22.34
CA PHE A 112 -28.50 -1.30 21.62
C PHE A 112 -28.53 -0.78 20.19
N ARG A 113 -27.45 -0.10 19.79
CA ARG A 113 -27.38 0.52 18.48
C ARG A 113 -27.69 -0.45 17.35
N THR A 114 -28.25 0.08 16.26
CA THR A 114 -28.51 -0.69 15.05
C THR A 114 -28.02 0.12 13.86
N ILE A 115 -27.21 -0.50 13.00
CA ILE A 115 -26.50 0.26 11.98
C ILE A 115 -26.66 -0.26 10.55
N ASN A 116 -27.10 0.62 9.67
CA ASN A 116 -27.17 0.33 8.25
C ASN A 116 -26.14 1.15 7.50
N TYR A 117 -25.34 0.51 6.66
CA TYR A 117 -24.29 1.21 5.93
C TYR A 117 -24.07 0.63 4.54
N ASN A 118 -23.62 1.48 3.63
CA ASN A 118 -23.31 1.06 2.27
C ASN A 118 -21.89 1.44 1.86
N ALA A 119 -20.99 0.46 1.93
CA ALA A 119 -19.60 0.67 1.53
C ALA A 119 -19.51 0.88 0.02
N GLY A 120 -19.64 2.13 -0.42
CA GLY A 120 -19.55 2.46 -1.83
C GLY A 120 -18.30 1.91 -2.47
N VAL A 121 -17.19 1.98 -1.74
CA VAL A 121 -15.91 1.46 -2.23
C VAL A 121 -15.00 1.01 -1.08
N TRP A 122 -14.47 -0.21 -1.21
CA TRP A 122 -13.53 -0.73 -0.23
C TRP A 122 -12.29 -1.23 -0.96
N ALA A 123 -11.31 -0.34 -1.12
CA ALA A 123 -10.07 -0.67 -1.81
C ALA A 123 -8.86 -0.41 -0.95
N PRO A 124 -8.75 -1.09 0.20
CA PRO A 124 -7.59 -0.95 1.07
C PRO A 124 -6.38 -1.69 0.47
N ASN A 125 -5.26 -1.00 0.34
CA ASN A 125 -4.04 -1.58 -0.17
C ASN A 125 -2.97 -1.61 0.91
N GLY A 126 -3.16 -2.51 1.86
CA GLY A 126 -2.35 -2.61 3.05
C GLY A 126 -3.24 -3.06 4.19
N ASN A 127 -3.03 -2.51 5.38
CA ASN A 127 -3.89 -2.83 6.51
C ASN A 127 -5.01 -1.80 6.67
N GLY A 128 -6.24 -2.27 6.64
CA GLY A 128 -7.40 -1.40 6.79
C GLY A 128 -8.64 -2.17 7.20
N TYR A 129 -9.38 -1.62 8.17
CA TYR A 129 -10.60 -2.27 8.65
C TYR A 129 -11.86 -1.52 8.25
N LEU A 130 -12.83 -2.25 7.71
CA LEU A 130 -14.18 -1.72 7.54
C LEU A 130 -14.98 -2.15 8.75
N THR A 131 -14.80 -1.44 9.86
CA THR A 131 -15.30 -1.89 11.15
C THR A 131 -16.19 -0.86 11.84
N LEU A 132 -17.10 -1.36 12.68
CA LEU A 132 -17.79 -0.50 13.63
C LEU A 132 -16.86 -0.26 14.81
N TYR A 133 -16.69 1.01 15.16
CA TYR A 133 -15.64 1.40 16.08
C TYR A 133 -16.16 2.33 17.19
N GLY A 134 -15.62 2.17 18.39
CA GLY A 134 -16.05 2.98 19.53
C GLY A 134 -15.32 2.64 20.82
N TRP A 135 -15.49 3.49 21.83
CA TRP A 135 -14.82 3.31 23.11
C TRP A 135 -15.80 3.34 24.27
N THR A 136 -15.34 2.92 25.44
CA THR A 136 -16.10 3.04 26.69
C THR A 136 -15.14 3.27 27.85
N ARG A 137 -15.64 3.92 28.90
CA ARG A 137 -14.85 4.10 30.11
C ARG A 137 -15.45 3.29 31.25
N SER A 138 -14.61 2.93 32.22
CA SER A 138 -15.07 2.19 33.39
C SER A 138 -15.72 0.87 33.01
N PRO A 139 -14.93 -0.09 32.52
CA PRO A 139 -13.49 0.05 32.26
C PRO A 139 -13.21 0.72 30.92
N LEU A 140 -11.95 1.12 30.70
CA LEU A 140 -11.53 1.68 29.42
C LEU A 140 -11.41 0.57 28.39
N ILE A 141 -12.26 0.61 27.38
CA ILE A 141 -12.29 -0.44 26.37
C ILE A 141 -12.50 0.06 24.94
N GLU A 142 -11.75 -0.52 24.01
CA GLU A 142 -11.88 -0.20 22.60
C GLU A 142 -12.47 -1.41 21.88
N TYR A 143 -13.71 -1.28 21.40
CA TYR A 143 -14.40 -2.42 20.78
C TYR A 143 -14.43 -2.36 19.26
N TYR A 144 -14.47 -3.54 18.64
CA TYR A 144 -14.45 -3.67 17.19
C TYR A 144 -15.53 -4.63 16.68
N VAL A 145 -16.10 -4.30 15.53
CA VAL A 145 -16.94 -5.22 14.78
C VAL A 145 -16.58 -5.10 13.30
N VAL A 146 -15.67 -5.96 12.87
CA VAL A 146 -15.08 -5.86 11.54
C VAL A 146 -15.80 -6.74 10.51
N ASP A 147 -16.26 -6.11 9.43
CA ASP A 147 -16.95 -6.83 8.37
C ASP A 147 -15.99 -7.15 7.21
N SER A 148 -14.99 -6.30 7.02
CA SER A 148 -14.03 -6.50 5.94
C SER A 148 -12.67 -5.92 6.29
N TRP A 149 -11.65 -6.30 5.53
CA TRP A 149 -10.28 -5.84 5.78
C TRP A 149 -9.43 -5.93 4.52
N GLY A 150 -8.13 -5.67 4.67
CA GLY A 150 -7.20 -5.69 3.56
C GLY A 150 -6.26 -6.87 3.58
N THR A 151 -5.00 -6.60 3.92
CA THR A 151 -3.97 -7.64 3.92
C THR A 151 -3.87 -8.39 5.24
N TYR A 152 -4.62 -7.93 6.24
CA TYR A 152 -4.54 -8.53 7.57
C TYR A 152 -5.90 -8.69 8.25
N ARG A 153 -6.19 -9.91 8.69
CA ARG A 153 -7.38 -10.19 9.48
C ARG A 153 -7.04 -10.11 10.96
N PRO A 154 -7.76 -9.26 11.70
CA PRO A 154 -7.50 -8.99 13.11
C PRO A 154 -7.78 -10.20 14.00
N THR A 155 -6.75 -10.76 14.61
CA THR A 155 -6.92 -11.89 15.51
C THR A 155 -6.44 -11.56 16.92
N GLY A 156 -6.36 -12.59 17.76
CA GLY A 156 -5.94 -12.44 19.14
C GLY A 156 -6.35 -13.68 19.92
N THR A 157 -6.61 -13.51 21.21
CA THR A 157 -7.08 -14.63 22.03
C THR A 157 -8.49 -15.01 21.61
N TYR A 158 -8.63 -16.21 21.05
CA TYR A 158 -9.92 -16.70 20.57
C TYR A 158 -10.84 -17.03 21.75
N LYS A 159 -12.08 -16.55 21.69
CA LYS A 159 -13.02 -16.76 22.79
C LYS A 159 -14.34 -17.40 22.36
N GLY A 160 -14.61 -17.41 21.06
CA GLY A 160 -15.83 -18.03 20.56
C GLY A 160 -16.36 -17.39 19.29
N THR A 161 -17.63 -17.66 18.99
CA THR A 161 -18.25 -17.15 17.77
C THR A 161 -19.64 -16.59 18.02
N VAL A 162 -20.14 -15.85 17.04
CA VAL A 162 -21.50 -15.32 17.09
C VAL A 162 -22.06 -15.14 15.68
N LYS A 163 -23.27 -15.62 15.46
CA LYS A 163 -23.92 -15.46 14.17
C LYS A 163 -24.76 -14.19 14.20
N SER A 164 -24.58 -13.33 13.20
CA SER A 164 -25.30 -12.06 13.17
C SER A 164 -25.35 -11.46 11.77
N ASP A 165 -26.56 -11.15 11.31
CA ASP A 165 -26.77 -10.48 10.04
C ASP A 165 -26.29 -11.31 8.86
N GLY A 166 -26.60 -12.60 8.87
CA GLY A 166 -26.22 -13.48 7.78
C GLY A 166 -24.72 -13.71 7.71
N GLY A 167 -24.02 -13.37 8.78
CA GLY A 167 -22.57 -13.55 8.83
C GLY A 167 -22.09 -14.05 10.17
N THR A 168 -21.14 -14.99 10.15
CA THR A 168 -20.57 -15.54 11.36
C THR A 168 -19.27 -14.83 11.71
N TYR A 169 -19.13 -14.46 12.99
CA TYR A 169 -17.95 -13.72 13.43
C TYR A 169 -17.15 -14.50 14.46
N ASP A 170 -15.83 -14.42 14.36
CA ASP A 170 -14.95 -14.97 15.39
C ASP A 170 -14.75 -13.92 16.48
N ILE A 171 -14.62 -14.37 17.72
CA ILE A 171 -14.47 -13.44 18.83
C ILE A 171 -13.05 -13.46 19.38
N TYR A 172 -12.48 -12.28 19.58
CA TYR A 172 -11.12 -12.18 20.09
C TYR A 172 -10.98 -11.11 21.18
N THR A 173 -10.00 -11.31 22.05
CA THR A 173 -9.58 -10.27 22.99
C THR A 173 -8.10 -10.00 22.79
N THR A 174 -7.75 -8.71 22.74
CA THR A 174 -6.36 -8.31 22.64
C THR A 174 -6.06 -7.26 23.70
N THR A 175 -4.78 -7.06 23.97
CA THR A 175 -4.37 -6.08 24.97
C THR A 175 -3.30 -5.16 24.40
N ARG A 176 -3.40 -3.87 24.73
CA ARG A 176 -2.37 -2.92 24.33
C ARG A 176 -1.75 -2.24 25.54
N TYR A 177 -0.44 -2.00 25.46
CA TYR A 177 0.29 -1.34 26.54
C TYR A 177 0.93 -0.07 26.03
N ASN A 178 0.26 1.07 26.31
CA ASN A 178 0.72 2.41 25.92
C ASN A 178 -0.07 3.01 24.76
N ALA A 179 -1.36 2.70 24.69
CA ALA A 179 -2.23 3.27 23.67
C ALA A 179 -3.19 4.28 24.29
N PRO A 180 -3.51 5.34 23.53
CA PRO A 180 -4.27 6.49 24.03
C PRO A 180 -5.77 6.26 23.91
N SER A 181 -6.37 7.02 23.02
CA SER A 181 -7.80 6.94 22.72
C SER A 181 -7.99 7.46 21.30
N ILE A 182 -9.24 7.79 20.98
CA ILE A 182 -9.60 8.34 19.67
C ILE A 182 -8.77 7.73 18.54
N ALA B 1 12.13 -2.46 26.45
CA ALA B 1 13.01 -1.34 26.75
C ALA B 1 12.87 -0.23 25.72
N THR B 2 13.68 0.80 25.86
CA THR B 2 13.65 1.92 24.92
C THR B 2 14.94 1.94 24.09
N PHE B 3 14.76 2.04 22.76
CA PHE B 3 15.89 2.09 21.85
C PHE B 3 15.63 3.05 20.69
N THR B 4 16.62 3.21 19.80
CA THR B 4 16.47 4.09 18.65
C THR B 4 16.68 3.30 17.36
N GLN B 5 16.05 3.73 16.28
CA GLN B 5 16.14 3.03 15.01
C GLN B 5 16.73 3.89 13.91
N TYR B 6 17.85 3.45 13.33
CA TYR B 6 18.41 4.13 12.17
C TYR B 6 17.91 3.46 10.90
N TRP B 7 17.60 4.25 9.88
CA TRP B 7 17.02 3.70 8.66
C TRP B 7 17.73 4.21 7.40
N SER B 8 18.21 3.27 6.59
CA SER B 8 18.64 3.56 5.24
C SER B 8 17.67 2.88 4.28
N VAL B 9 16.69 3.64 3.81
CA VAL B 9 15.60 3.06 3.02
C VAL B 9 15.65 3.53 1.56
N ARG B 10 15.79 2.57 0.65
CA ARG B 10 15.78 2.86 -0.78
C ARG B 10 14.59 3.74 -1.16
N GLN B 11 14.82 4.67 -2.08
CA GLN B 11 13.77 5.56 -2.56
C GLN B 11 12.82 4.81 -3.50
N SER B 12 13.28 3.71 -4.06
CA SER B 12 12.45 2.86 -4.91
C SER B 12 12.79 1.39 -4.69
N LYS B 13 11.78 0.54 -4.72
CA LYS B 13 11.98 -0.89 -4.53
C LYS B 13 13.12 -1.42 -5.40
N ARG B 14 14.12 -2.02 -4.75
CA ARG B 14 15.25 -2.58 -5.47
C ARG B 14 14.84 -3.87 -6.17
N PRO B 15 15.35 -4.09 -7.40
CA PRO B 15 15.07 -5.31 -8.15
C PRO B 15 15.60 -6.55 -7.44
N THR B 16 14.74 -7.54 -7.24
CA THR B 16 15.14 -8.79 -6.61
C THR B 16 15.32 -9.88 -7.66
N GLY B 17 15.84 -11.02 -7.23
CA GLY B 17 16.05 -12.14 -8.13
C GLY B 17 17.47 -12.23 -8.66
N SER B 18 18.21 -11.14 -8.52
CA SER B 18 19.60 -11.10 -8.99
C SER B 18 20.55 -10.75 -7.85
N ASN B 19 21.84 -10.94 -8.09
CA ASN B 19 22.86 -10.63 -7.09
C ASN B 19 22.82 -9.16 -6.67
N ALA B 20 22.75 -8.92 -5.37
CA ALA B 20 22.72 -7.56 -4.85
C ALA B 20 23.72 -7.40 -3.71
N THR B 21 24.29 -6.20 -3.60
CA THR B 21 25.32 -5.93 -2.61
C THR B 21 24.98 -4.70 -1.76
N ILE B 22 25.25 -4.79 -0.47
CA ILE B 22 25.06 -3.66 0.45
C ILE B 22 26.37 -3.32 1.14
N THR B 23 27.06 -2.31 0.63
CA THR B 23 28.27 -1.80 1.27
C THR B 23 27.87 -1.06 2.55
N PHE B 24 27.71 -1.83 3.63
CA PHE B 24 27.19 -1.30 4.89
C PHE B 24 28.05 -0.17 5.47
N THR B 25 29.34 -0.17 5.14
CA THR B 25 30.25 0.85 5.64
C THR B 25 29.85 2.24 5.18
N ASN B 26 29.34 2.34 3.95
CA ASN B 26 28.88 3.62 3.43
C ASN B 26 27.69 4.16 4.20
N HIS B 27 26.79 3.27 4.60
CA HIS B 27 25.62 3.67 5.38
C HIS B 27 26.03 4.09 6.78
N VAL B 28 26.95 3.35 7.38
CA VAL B 28 27.49 3.70 8.68
C VAL B 28 28.10 5.10 8.63
N ASN B 29 28.92 5.35 7.62
CA ASN B 29 29.54 6.65 7.42
C ASN B 29 28.49 7.76 7.25
N ALA B 30 27.59 7.57 6.30
CA ALA B 30 26.53 8.54 6.04
C ALA B 30 25.76 8.88 7.31
N TRP B 31 25.34 7.84 8.04
CA TRP B 31 24.61 8.05 9.29
C TRP B 31 25.41 8.93 10.24
N LYS B 32 26.73 8.73 10.24
CA LYS B 32 27.61 9.43 11.17
C LYS B 32 27.73 10.92 10.85
N SER B 33 27.44 11.27 9.60
CA SER B 33 27.48 12.67 9.18
C SER B 33 26.20 13.39 9.58
N HIS B 34 25.32 12.68 10.29
CA HIS B 34 24.08 13.25 10.75
C HIS B 34 23.93 13.13 12.27
N GLY B 35 25.03 12.74 12.92
CA GLY B 35 25.04 12.62 14.37
C GLY B 35 24.49 11.29 14.85
N MET B 36 24.36 10.34 13.93
CA MET B 36 23.83 9.03 14.27
C MET B 36 24.95 8.04 14.54
N ASN B 37 25.48 8.07 15.76
CA ASN B 37 26.58 7.18 16.14
C ASN B 37 26.07 5.87 16.74
N LEU B 38 26.67 4.76 16.32
CA LEU B 38 26.25 3.45 16.78
C LEU B 38 26.92 3.05 18.09
N GLY B 39 26.24 2.21 18.87
CA GLY B 39 26.77 1.72 20.13
C GLY B 39 28.08 0.99 19.94
N SER B 40 28.86 0.89 21.02
CA SER B 40 30.17 0.25 20.96
C SER B 40 30.05 -1.27 21.00
N ASN B 41 28.86 -1.77 21.30
CA ASN B 41 28.65 -3.20 21.50
C ASN B 41 27.86 -3.81 20.35
N TRP B 42 28.54 -4.58 19.50
CA TRP B 42 27.92 -5.09 18.28
C TRP B 42 27.21 -6.44 18.47
N ALA B 43 25.89 -6.41 18.41
CA ALA B 43 25.10 -7.63 18.46
C ALA B 43 25.08 -8.29 17.08
N TYR B 44 24.11 -9.17 16.84
CA TYR B 44 24.02 -9.88 15.57
C TYR B 44 23.69 -8.93 14.42
N GLN B 45 23.79 -9.45 13.19
CA GLN B 45 23.61 -8.65 12.00
C GLN B 45 23.33 -9.56 10.80
N VAL B 46 22.12 -9.47 10.25
CA VAL B 46 21.71 -10.39 9.20
C VAL B 46 20.98 -9.69 8.06
N MET B 47 20.86 -10.38 6.93
CA MET B 47 19.97 -9.96 5.86
C MET B 47 18.62 -10.63 6.14
N ALA B 48 17.64 -9.83 6.56
CA ALA B 48 16.42 -10.38 7.14
C ALA B 48 15.14 -10.15 6.35
N THR B 49 14.09 -10.87 6.75
CA THR B 49 12.74 -10.70 6.23
C THR B 49 11.81 -10.38 7.40
N GLU B 50 11.50 -9.08 7.57
CA GLU B 50 10.60 -8.67 8.65
C GLU B 50 9.18 -8.40 8.14
N GLY B 51 8.19 -8.99 8.80
CA GLY B 51 6.81 -8.79 8.42
C GLY B 51 5.96 -8.37 9.61
N TYR B 52 4.89 -7.63 9.33
CA TYR B 52 3.94 -7.24 10.36
C TYR B 52 2.53 -7.10 9.80
N GLN B 53 1.58 -7.80 10.41
CA GLN B 53 0.19 -7.77 9.96
C GLN B 53 0.07 -8.09 8.48
N SER B 54 0.60 -9.24 8.07
CA SER B 54 0.58 -9.61 6.67
C SER B 54 0.92 -11.08 6.44
N SER B 55 1.11 -11.44 5.17
CA SER B 55 1.51 -12.77 4.78
C SER B 55 2.42 -12.66 3.56
N GLY B 56 3.03 -13.77 3.14
CA GLY B 56 3.86 -13.76 1.96
C GLY B 56 4.97 -14.79 1.94
N SER B 57 5.74 -14.78 0.85
CA SER B 57 6.85 -15.71 0.67
C SER B 57 8.16 -14.97 0.40
N SER B 58 9.27 -15.57 0.84
CA SER B 58 10.59 -14.98 0.61
C SER B 58 11.66 -16.07 0.67
N ASN B 59 12.57 -16.03 -0.29
CA ASN B 59 13.67 -16.98 -0.33
C ASN B 59 15.00 -16.27 -0.57
N VAL B 60 15.68 -15.90 0.53
CA VAL B 60 16.90 -15.13 0.45
C VAL B 60 18.14 -16.01 0.63
N THR B 61 19.16 -15.75 -0.19
CA THR B 61 20.42 -16.48 -0.11
C THR B 61 21.59 -15.52 0.13
N VAL B 62 22.16 -15.58 1.33
CA VAL B 62 23.30 -14.74 1.67
C VAL B 62 24.62 -15.42 1.31
N TRP B 63 25.33 -14.87 0.33
CA TRP B 63 26.60 -15.42 -0.11
C TRP B 63 27.74 -14.43 0.06
N GLY B 64 28.93 -14.82 -0.36
CA GLY B 64 30.08 -13.92 -0.36
C GLY B 64 31.03 -14.16 0.80
N ALA B 65 30.53 -14.82 1.84
CA ALA B 65 31.37 -15.18 2.99
C ALA B 65 30.94 -16.51 3.61
N SER B 66 30.35 -16.43 4.80
CA SER B 66 29.81 -17.60 5.48
C SER B 66 29.03 -17.19 6.73
N THR B 67 27.72 -17.31 6.67
CA THR B 67 26.86 -16.94 7.79
C THR B 67 27.02 -17.93 8.95
N ASP B 68 26.92 -17.44 10.19
CA ASP B 68 27.08 -18.31 11.36
C ASP B 68 25.92 -18.15 12.32
N TYR B 69 25.10 -17.14 12.08
CA TYR B 69 23.98 -16.83 12.96
C TYR B 69 22.64 -16.97 12.24
N TRP B 70 21.69 -17.60 12.91
CA TRP B 70 20.35 -17.80 12.35
C TRP B 70 19.31 -17.07 13.18
N GLN B 71 18.83 -15.95 12.67
CA GLN B 71 17.79 -15.18 13.35
C GLN B 71 16.41 -15.68 12.97
N ASN B 72 15.61 -16.02 13.97
CA ASN B 72 14.25 -16.53 13.75
C ASN B 72 13.37 -16.22 14.95
N TRP B 73 12.69 -15.09 14.91
CA TRP B 73 11.86 -14.65 16.03
C TRP B 73 10.45 -14.27 15.60
N THR B 74 9.48 -14.53 16.46
CA THR B 74 8.09 -14.20 16.19
C THR B 74 7.34 -13.89 17.48
N ASP B 75 6.53 -12.83 17.45
CA ASP B 75 5.79 -12.40 18.63
C ASP B 75 4.75 -13.43 19.08
N GLY B 76 4.30 -14.26 18.14
CA GLY B 76 3.34 -15.31 18.46
C GLY B 76 2.11 -15.26 17.59
N GLY B 77 2.02 -14.25 16.72
CA GLY B 77 0.87 -14.10 15.85
C GLY B 77 0.99 -14.90 14.57
N GLY B 78 -0.15 -15.35 14.07
CA GLY B 78 -0.21 -16.06 12.80
C GLY B 78 0.80 -17.18 12.66
N ILE B 79 1.22 -17.43 11.42
CA ILE B 79 2.16 -18.49 11.13
C ILE B 79 3.46 -17.94 10.57
N VAL B 80 4.59 -18.54 10.97
CA VAL B 80 5.89 -18.18 10.41
C VAL B 80 6.68 -19.43 10.06
N ASN B 81 6.39 -20.00 8.89
CA ASN B 81 7.09 -21.20 8.44
C ASN B 81 8.46 -20.87 7.87
N ALA B 82 9.43 -20.61 8.75
CA ALA B 82 10.78 -20.27 8.33
C ALA B 82 11.65 -21.50 8.19
N VAL B 83 12.33 -21.61 7.04
CA VAL B 83 13.20 -22.74 6.78
C VAL B 83 14.67 -22.33 6.80
N ASN B 84 15.46 -23.09 7.54
CA ASN B 84 16.91 -22.86 7.60
C ASN B 84 17.62 -23.71 6.55
N GLY B 85 17.80 -23.15 5.36
CA GLY B 85 18.40 -23.87 4.27
C GLY B 85 19.89 -24.09 4.43
N SER B 86 20.54 -24.59 3.38
CA SER B 86 21.97 -24.82 3.40
C SER B 86 22.72 -23.54 3.02
N GLY B 87 23.92 -23.37 3.58
CA GLY B 87 24.71 -22.18 3.33
C GLY B 87 24.02 -20.93 3.86
N GLY B 88 23.98 -19.88 3.05
CA GLY B 88 23.34 -18.64 3.44
C GLY B 88 21.90 -18.58 3.01
N ASN B 89 21.38 -19.70 2.51
CA ASN B 89 20.02 -19.77 2.01
C ASN B 89 18.99 -19.95 3.13
N TYR B 90 17.88 -19.22 3.03
CA TYR B 90 16.76 -19.40 3.94
C TYR B 90 15.48 -18.95 3.26
N SER B 91 14.34 -19.34 3.82
CA SER B 91 13.05 -19.01 3.24
C SER B 91 11.98 -18.78 4.31
N VAL B 92 11.00 -17.96 3.99
CA VAL B 92 9.93 -17.63 4.94
C VAL B 92 8.55 -17.66 4.29
N ASN B 93 7.68 -18.52 4.80
CA ASN B 93 6.28 -18.55 4.40
C ASN B 93 5.39 -18.18 5.59
N TRP B 94 5.05 -16.90 5.70
CA TRP B 94 4.30 -16.42 6.85
C TRP B 94 2.84 -16.13 6.53
N SER B 95 1.97 -16.32 7.51
CA SER B 95 0.52 -16.20 7.30
C SER B 95 -0.16 -15.37 8.37
N ASN B 96 -0.83 -14.29 7.95
CA ASN B 96 -1.58 -13.41 8.84
C ASN B 96 -0.84 -13.20 10.16
N THR B 97 0.44 -12.89 10.08
CA THR B 97 1.31 -12.82 11.25
C THR B 97 1.15 -11.52 12.04
N GLY B 98 1.79 -11.48 13.20
CA GLY B 98 1.95 -10.25 13.95
C GLY B 98 3.28 -9.63 13.55
N ASN B 99 4.26 -9.70 14.44
CA ASN B 99 5.60 -9.22 14.14
C ASN B 99 6.59 -10.38 14.12
N PHE B 100 7.64 -10.26 13.31
CA PHE B 100 8.65 -11.30 13.23
C PHE B 100 9.86 -10.85 12.41
N VAL B 101 11.02 -11.42 12.72
CA VAL B 101 12.24 -11.13 11.97
C VAL B 101 13.03 -12.41 11.70
N VAL B 102 13.06 -12.83 10.45
CA VAL B 102 13.81 -14.02 10.05
C VAL B 102 14.93 -13.62 9.09
N GLY B 103 16.09 -14.27 9.22
CA GLY B 103 17.21 -13.99 8.34
C GLY B 103 18.48 -14.70 8.72
N LYS B 104 19.48 -14.63 7.85
CA LYS B 104 20.78 -15.24 8.08
C LYS B 104 21.89 -14.20 8.04
N GLY B 105 22.76 -14.23 9.04
CA GLY B 105 23.86 -13.29 9.13
C GLY B 105 25.00 -13.77 10.00
N TRP B 106 25.42 -12.94 10.95
CA TRP B 106 26.58 -13.24 11.77
C TRP B 106 26.36 -12.90 13.24
N THR B 107 26.99 -13.66 14.12
CA THR B 107 26.87 -13.46 15.57
C THR B 107 27.23 -12.04 15.96
N THR B 108 28.31 -11.52 15.37
CA THR B 108 28.76 -10.16 15.66
C THR B 108 28.64 -9.26 14.43
N GLY B 109 28.13 -8.05 14.64
CA GLY B 109 27.98 -7.10 13.55
C GLY B 109 29.25 -6.29 13.34
N SER B 110 29.44 -5.83 12.10
CA SER B 110 30.64 -5.06 11.76
C SER B 110 30.32 -3.87 10.87
N PRO B 111 30.90 -2.70 11.20
CA PRO B 111 30.76 -1.48 10.40
C PRO B 111 31.59 -1.55 9.13
N PHE B 112 32.36 -2.63 8.98
CA PHE B 112 33.27 -2.76 7.84
C PHE B 112 32.87 -3.90 6.91
N ARG B 113 31.71 -4.51 7.16
CA ARG B 113 31.27 -5.65 6.37
C ARG B 113 30.45 -5.25 5.13
N THR B 114 30.54 -6.08 4.11
CA THR B 114 29.78 -5.88 2.88
C THR B 114 28.91 -7.09 2.58
N ILE B 115 27.60 -6.91 2.69
CA ILE B 115 26.66 -8.03 2.53
C ILE B 115 26.28 -8.26 1.07
N ASN B 116 26.36 -9.52 0.65
CA ASN B 116 25.90 -9.92 -0.68
C ASN B 116 24.72 -10.90 -0.52
N TYR B 117 23.70 -10.73 -1.35
CA TYR B 117 22.52 -11.58 -1.24
C TYR B 117 21.78 -11.71 -2.56
N ASN B 118 20.87 -12.69 -2.62
CA ASN B 118 20.05 -12.90 -3.80
C ASN B 118 18.62 -13.32 -3.41
N ALA B 119 17.68 -12.39 -3.59
CA ALA B 119 16.30 -12.63 -3.25
C ALA B 119 15.58 -13.42 -4.35
N GLY B 120 15.70 -14.74 -4.31
CA GLY B 120 15.05 -15.60 -5.27
C GLY B 120 13.55 -15.37 -5.28
N VAL B 121 12.97 -15.17 -4.10
CA VAL B 121 11.54 -14.94 -3.96
C VAL B 121 11.26 -13.76 -3.04
N TRP B 122 10.44 -12.83 -3.51
CA TRP B 122 9.99 -11.71 -2.70
C TRP B 122 8.54 -11.37 -3.05
N ALA B 123 7.61 -12.00 -2.33
CA ALA B 123 6.20 -11.81 -2.61
C ALA B 123 5.40 -11.58 -1.34
N PRO B 124 5.46 -10.35 -0.80
CA PRO B 124 4.71 -9.98 0.41
C PRO B 124 3.28 -9.60 0.10
N ASN B 125 2.36 -10.03 0.97
CA ASN B 125 0.96 -9.62 0.86
C ASN B 125 0.61 -8.67 2.00
N GLY B 126 1.24 -7.50 1.99
CA GLY B 126 1.05 -6.52 3.03
C GLY B 126 2.35 -5.86 3.41
N ASN B 127 2.68 -5.88 4.70
CA ASN B 127 3.90 -5.23 5.17
C ASN B 127 5.03 -6.20 5.44
N GLY B 128 6.12 -6.05 4.68
CA GLY B 128 7.30 -6.88 4.84
C GLY B 128 8.53 -6.17 4.32
N TYR B 129 9.66 -6.35 4.99
CA TYR B 129 10.89 -5.67 4.58
C TYR B 129 11.99 -6.66 4.18
N LEU B 130 12.58 -6.43 3.02
CA LEU B 130 13.80 -7.10 2.62
C LEU B 130 14.96 -6.17 2.96
N THR B 131 15.49 -6.31 4.16
CA THR B 131 16.44 -5.32 4.69
C THR B 131 17.58 -5.94 5.48
N LEU B 132 18.70 -5.23 5.53
CA LEU B 132 19.78 -5.56 6.45
C LEU B 132 19.32 -5.20 7.86
N TYR B 133 19.52 -6.10 8.81
CA TYR B 133 19.03 -5.91 10.16
C TYR B 133 20.11 -6.22 11.20
N GLY B 134 20.15 -5.44 12.26
CA GLY B 134 21.16 -5.62 13.30
C GLY B 134 20.94 -4.77 14.53
N TRP B 135 21.68 -5.10 15.59
CA TRP B 135 21.60 -4.39 16.85
C TRP B 135 22.97 -3.93 17.33
N THR B 136 22.99 -2.95 18.22
CA THR B 136 24.19 -2.55 18.93
C THR B 136 23.82 -2.18 20.36
N ARG B 137 24.80 -2.17 21.25
CA ARG B 137 24.57 -1.82 22.64
C ARG B 137 25.52 -0.73 23.09
N SER B 138 25.15 -0.04 24.16
CA SER B 138 25.92 1.08 24.68
C SER B 138 26.11 2.16 23.60
N PRO B 139 25.02 2.81 23.19
CA PRO B 139 23.65 2.57 23.65
C PRO B 139 22.95 1.49 22.84
N LEU B 140 21.75 1.11 23.26
CA LEU B 140 20.96 0.08 22.59
C LEU B 140 20.34 0.62 21.30
N ILE B 141 20.74 0.07 20.16
CA ILE B 141 20.28 0.57 18.87
C ILE B 141 19.88 -0.55 17.91
N GLU B 142 18.77 -0.35 17.21
CA GLU B 142 18.33 -1.24 16.15
C GLU B 142 18.39 -0.49 14.82
N TYR B 143 19.07 -1.06 13.84
CA TYR B 143 19.25 -0.35 12.57
C TYR B 143 18.73 -1.11 11.34
N TYR B 144 18.49 -0.37 10.27
CA TYR B 144 17.91 -0.93 9.05
C TYR B 144 18.56 -0.38 7.79
N VAL B 145 18.71 -1.25 6.79
CA VAL B 145 19.05 -0.81 5.43
C VAL B 145 18.10 -1.51 4.47
N VAL B 146 16.90 -0.95 4.33
CA VAL B 146 15.84 -1.57 3.54
C VAL B 146 16.05 -1.42 2.05
N ASP B 147 16.14 -2.54 1.34
CA ASP B 147 16.27 -2.54 -0.11
C ASP B 147 14.90 -2.59 -0.80
N SER B 148 13.99 -3.34 -0.22
CA SER B 148 12.63 -3.46 -0.75
C SER B 148 11.61 -3.69 0.35
N TRP B 149 10.35 -3.47 0.04
CA TRP B 149 9.29 -3.59 1.04
C TRP B 149 7.99 -4.12 0.43
N GLY B 150 6.90 -3.98 1.18
CA GLY B 150 5.60 -4.42 0.72
C GLY B 150 4.67 -3.26 0.42
N THR B 151 3.58 -3.16 1.18
CA THR B 151 2.60 -2.11 0.99
C THR B 151 2.92 -0.86 1.80
N TYR B 152 3.87 -0.98 2.72
CA TYR B 152 4.29 0.15 3.54
C TYR B 152 5.79 0.40 3.45
N ARG B 153 6.16 1.62 3.09
CA ARG B 153 7.55 2.03 3.06
C ARG B 153 7.96 2.63 4.40
N PRO B 154 8.98 2.04 5.03
CA PRO B 154 9.41 2.42 6.38
C PRO B 154 10.00 3.82 6.44
N THR B 155 9.28 4.76 7.02
CA THR B 155 9.79 6.11 7.18
C THR B 155 9.92 6.48 8.65
N GLY B 156 10.47 7.67 8.92
CA GLY B 156 10.62 8.16 10.27
C GLY B 156 10.94 9.64 10.25
N THR B 157 11.94 10.04 11.03
CA THR B 157 12.39 11.42 11.01
C THR B 157 13.50 11.59 9.99
N TYR B 158 13.17 12.20 8.86
CA TYR B 158 14.10 12.39 7.76
C TYR B 158 15.34 13.16 8.18
N LYS B 159 16.51 12.74 7.69
CA LYS B 159 17.77 13.35 8.06
C LYS B 159 18.65 13.64 6.85
N GLY B 160 18.29 13.10 5.70
CA GLY B 160 19.07 13.27 4.49
C GLY B 160 19.08 12.02 3.65
N THR B 161 20.01 11.95 2.69
CA THR B 161 20.10 10.79 1.81
C THR B 161 21.53 10.33 1.61
N VAL B 162 21.69 9.11 1.10
CA VAL B 162 22.99 8.54 0.82
C VAL B 162 22.92 7.62 -0.39
N LYS B 163 23.87 7.75 -1.29
CA LYS B 163 23.93 6.89 -2.47
C LYS B 163 24.91 5.74 -2.23
N SER B 164 24.45 4.53 -2.52
CA SER B 164 25.28 3.35 -2.31
C SER B 164 24.73 2.14 -3.06
N ASP B 165 25.61 1.42 -3.75
CA ASP B 165 25.23 0.23 -4.49
C ASP B 165 24.08 0.49 -5.47
N GLY B 166 24.30 1.44 -6.38
CA GLY B 166 23.36 1.71 -7.46
C GLY B 166 22.03 2.29 -7.02
N GLY B 167 21.89 2.59 -5.74
CA GLY B 167 20.63 3.11 -5.23
C GLY B 167 20.80 4.31 -4.32
N THR B 168 19.71 5.04 -4.10
CA THR B 168 19.70 6.19 -3.21
C THR B 168 18.76 5.94 -2.03
N TYR B 169 19.29 6.02 -0.81
CA TYR B 169 18.51 5.78 0.38
C TYR B 169 18.29 7.06 1.16
N ASP B 170 17.05 7.28 1.61
CA ASP B 170 16.77 8.35 2.55
C ASP B 170 17.14 7.84 3.94
N ILE B 171 17.52 8.75 4.83
CA ILE B 171 17.86 8.36 6.19
C ILE B 171 16.80 8.82 7.17
N TYR B 172 16.31 7.89 7.98
CA TYR B 172 15.28 8.20 8.97
C TYR B 172 15.71 7.79 10.37
N THR B 173 15.10 8.42 11.37
CA THR B 173 15.34 8.08 12.77
C THR B 173 14.02 7.98 13.52
N THR B 174 13.81 6.85 14.20
CA THR B 174 12.63 6.65 15.04
C THR B 174 13.06 6.10 16.39
N THR B 175 12.45 6.61 17.45
CA THR B 175 12.76 6.11 18.79
C THR B 175 11.67 5.13 19.24
N ARG B 176 11.99 4.07 19.98
CA ARG B 176 10.91 3.21 20.50
C ARG B 176 10.79 3.21 22.01
N TYR B 177 9.59 3.26 22.54
CA TYR B 177 9.44 3.43 23.98
C TYR B 177 8.90 2.24 24.71
N ASN B 178 8.12 1.41 24.09
CA ASN B 178 7.82 0.21 24.80
C ASN B 178 7.63 -0.97 23.89
N ALA B 179 8.68 -1.33 23.17
CA ALA B 179 8.64 -2.42 22.27
C ALA B 179 9.77 -3.21 22.75
N PRO B 180 9.97 -4.28 22.06
CA PRO B 180 10.75 -5.39 22.46
C PRO B 180 11.81 -5.22 21.51
N SER B 181 13.06 -5.44 21.81
CA SER B 181 13.54 -5.64 23.12
C SER B 181 14.97 -5.95 22.90
N ILE B 182 15.22 -7.12 22.30
CA ILE B 182 16.51 -7.83 22.29
C ILE B 182 17.03 -8.19 23.69
N ALA C 1 -7.41 -3.64 -38.05
CA ALA C 1 -6.97 -2.85 -39.19
C ALA C 1 -5.47 -2.61 -39.10
N THR C 2 -5.04 -1.46 -39.63
CA THR C 2 -3.64 -1.06 -39.55
C THR C 2 -3.59 0.44 -39.24
N PHE C 3 -2.79 0.82 -38.25
CA PHE C 3 -2.73 2.22 -37.84
C PHE C 3 -1.46 2.58 -37.06
N THR C 4 -1.36 3.86 -36.70
CA THR C 4 -0.17 4.39 -36.04
C THR C 4 -0.42 4.71 -34.57
N GLN C 5 0.64 4.68 -33.78
CA GLN C 5 0.57 4.98 -32.36
C GLN C 5 1.62 6.03 -31.98
N TYR C 6 1.18 7.14 -31.40
CA TYR C 6 2.11 8.15 -30.91
C TYR C 6 2.42 7.89 -29.44
N TRP C 7 3.70 7.90 -29.10
CA TRP C 7 4.12 7.62 -27.73
C TRP C 7 4.88 8.77 -27.08
N SER C 8 4.55 9.06 -25.84
CA SER C 8 5.35 9.91 -24.98
C SER C 8 5.79 9.11 -23.77
N VAL C 9 7.00 8.56 -23.84
CA VAL C 9 7.49 7.68 -22.78
C VAL C 9 8.57 8.35 -21.92
N ARG C 10 8.19 8.70 -20.70
CA ARG C 10 9.11 9.31 -19.75
C ARG C 10 10.39 8.50 -19.60
N GLN C 11 11.53 9.18 -19.58
CA GLN C 11 12.83 8.52 -19.51
C GLN C 11 13.10 7.91 -18.13
N SER C 12 12.58 8.54 -17.08
CA SER C 12 12.76 8.04 -15.72
C SER C 12 11.41 7.93 -14.99
N LYS C 13 11.00 6.69 -14.72
CA LYS C 13 9.73 6.43 -14.04
C LYS C 13 9.36 7.49 -13.00
N ARG C 14 8.25 8.15 -13.23
CA ARG C 14 7.77 9.22 -12.35
C ARG C 14 7.30 8.66 -11.02
N PRO C 15 7.70 9.32 -9.92
CA PRO C 15 7.27 8.94 -8.56
C PRO C 15 5.74 8.84 -8.48
N THR C 16 5.26 7.89 -7.68
CA THR C 16 3.83 7.65 -7.59
C THR C 16 3.35 7.64 -6.14
N GLY C 17 2.37 8.48 -5.85
CA GLY C 17 1.83 8.59 -4.51
C GLY C 17 1.39 10.01 -4.21
N SER C 18 2.06 10.97 -4.86
CA SER C 18 1.73 12.38 -4.70
C SER C 18 1.07 12.93 -5.95
N ASN C 19 0.55 14.15 -5.87
CA ASN C 19 -0.13 14.77 -6.99
C ASN C 19 0.82 15.03 -8.16
N ALA C 20 0.35 14.74 -9.37
CA ALA C 20 1.16 14.92 -10.57
C ALA C 20 0.28 15.41 -11.73
N THR C 21 0.89 16.15 -12.66
CA THR C 21 0.15 16.74 -13.75
C THR C 21 0.70 16.38 -15.13
N ILE C 22 -0.20 16.07 -16.06
CA ILE C 22 0.17 15.84 -17.45
C ILE C 22 -0.42 16.95 -18.32
N THR C 23 0.40 17.93 -18.66
CA THR C 23 -0.03 19.00 -19.56
C THR C 23 -0.02 18.47 -20.98
N PHE C 24 -1.14 17.88 -21.40
CA PHE C 24 -1.24 17.17 -22.67
C PHE C 24 -0.98 18.06 -23.88
N THR C 25 -1.22 19.37 -23.74
CA THR C 25 -1.01 20.31 -24.84
C THR C 25 0.48 20.45 -25.17
N ASN C 26 1.32 20.12 -24.20
CA ASN C 26 2.77 20.13 -24.41
C ASN C 26 3.22 18.97 -25.27
N HIS C 27 2.59 17.82 -25.08
CA HIS C 27 2.90 16.63 -25.86
C HIS C 27 2.30 16.75 -27.26
N VAL C 28 1.08 17.25 -27.34
CA VAL C 28 0.42 17.48 -28.62
C VAL C 28 1.24 18.42 -29.49
N ASN C 29 1.67 19.53 -28.89
CA ASN C 29 2.52 20.50 -29.59
C ASN C 29 3.90 19.95 -29.87
N ALA C 30 4.37 19.06 -29.00
CA ALA C 30 5.67 18.43 -29.18
C ALA C 30 5.65 17.50 -30.39
N TRP C 31 4.59 16.70 -30.50
CA TRP C 31 4.44 15.80 -31.62
C TRP C 31 4.14 16.56 -32.90
N LYS C 32 3.42 17.67 -32.76
CA LYS C 32 3.03 18.49 -33.90
C LYS C 32 4.25 19.06 -34.62
N SER C 33 5.26 19.43 -33.85
CA SER C 33 6.49 19.99 -34.41
C SER C 33 7.46 18.87 -34.80
N HIS C 34 7.09 17.63 -34.53
CA HIS C 34 7.90 16.48 -34.90
C HIS C 34 7.28 15.67 -36.01
N GLY C 35 6.27 16.25 -36.66
CA GLY C 35 5.61 15.61 -37.79
C GLY C 35 4.61 14.54 -37.38
N MET C 36 4.02 14.69 -36.20
CA MET C 36 3.03 13.73 -35.72
C MET C 36 1.72 14.42 -35.38
N ASN C 37 0.89 14.66 -36.39
CA ASN C 37 -0.39 15.33 -36.20
C ASN C 37 -1.50 14.33 -35.85
N LEU C 38 -2.40 14.76 -34.97
CA LEU C 38 -3.50 13.92 -34.51
C LEU C 38 -4.75 14.12 -35.36
N GLY C 39 -5.75 13.28 -35.12
CA GLY C 39 -6.99 13.34 -35.88
C GLY C 39 -7.91 14.47 -35.47
N SER C 40 -8.89 14.77 -36.32
CA SER C 40 -9.84 15.85 -36.06
C SER C 40 -11.10 15.33 -35.39
N ASN C 41 -11.13 14.03 -35.12
CA ASN C 41 -12.28 13.41 -34.47
C ASN C 41 -11.88 12.73 -33.16
N TRP C 42 -12.11 13.42 -32.05
CA TRP C 42 -11.63 12.95 -30.76
C TRP C 42 -12.56 11.96 -30.06
N ALA C 43 -12.01 10.80 -29.72
CA ALA C 43 -12.73 9.80 -28.95
C ALA C 43 -12.37 9.93 -27.47
N TYR C 44 -12.56 8.86 -26.71
CA TYR C 44 -12.31 8.93 -25.27
C TYR C 44 -10.84 9.23 -24.94
N GLN C 45 -10.61 9.67 -23.71
CA GLN C 45 -9.30 10.11 -23.26
C GLN C 45 -9.19 9.86 -21.76
N VAL C 46 -8.35 8.91 -21.37
CA VAL C 46 -8.32 8.46 -19.99
C VAL C 46 -6.92 8.42 -19.37
N MET C 47 -6.86 8.65 -18.07
CA MET C 47 -5.67 8.34 -17.29
C MET C 47 -5.77 6.86 -16.93
N ALA C 48 -5.06 6.03 -17.68
CA ALA C 48 -5.31 4.59 -17.67
C ALA C 48 -4.29 3.74 -16.92
N THR C 49 -4.68 2.50 -16.65
CA THR C 49 -3.78 1.47 -16.13
C THR C 49 -3.79 0.30 -17.12
N GLU C 50 -2.66 0.06 -17.78
CA GLU C 50 -2.55 -1.02 -18.75
C GLU C 50 -1.69 -2.17 -18.23
N GLY C 51 -1.99 -3.40 -18.66
CA GLY C 51 -1.23 -4.56 -18.25
C GLY C 51 -1.26 -5.63 -19.32
N TYR C 52 -0.12 -6.28 -19.53
CA TYR C 52 -0.04 -7.36 -20.51
C TYR C 52 0.75 -8.54 -19.94
N GLN C 53 0.13 -9.72 -19.97
CA GLN C 53 0.74 -10.92 -19.40
C GLN C 53 1.37 -10.58 -18.06
N SER C 54 0.58 -9.92 -17.21
CA SER C 54 1.09 -9.37 -15.96
C SER C 54 0.23 -9.77 -14.76
N SER C 55 0.46 -9.11 -13.64
CA SER C 55 -0.28 -9.36 -12.39
C SER C 55 0.16 -8.35 -11.33
N GLY C 56 -0.79 -7.55 -10.85
CA GLY C 56 -0.49 -6.56 -9.84
C GLY C 56 -1.68 -5.78 -9.35
N SER C 57 -1.43 -4.66 -8.67
CA SER C 57 -2.48 -3.82 -8.12
C SER C 57 -2.23 -2.34 -8.41
N SER C 58 -3.29 -1.55 -8.38
CA SER C 58 -3.20 -0.13 -8.70
C SER C 58 -4.35 0.69 -8.14
N ASN C 59 -4.09 1.95 -7.82
CA ASN C 59 -5.11 2.88 -7.34
C ASN C 59 -4.83 4.29 -7.83
N VAL C 60 -5.73 4.80 -8.66
CA VAL C 60 -5.53 6.11 -9.27
C VAL C 60 -6.74 7.03 -9.08
N THR C 61 -6.47 8.30 -8.88
CA THR C 61 -7.52 9.31 -8.76
C THR C 61 -7.28 10.48 -9.72
N VAL C 62 -8.27 10.77 -10.56
CA VAL C 62 -8.15 11.82 -11.55
C VAL C 62 -9.14 12.95 -11.26
N TRP C 63 -8.86 14.15 -11.76
CA TRP C 63 -9.79 15.28 -11.63
C TRP C 63 -9.56 16.40 -12.65
N GLY C 64 -9.50 17.62 -12.15
CA GLY C 64 -9.58 18.80 -12.99
C GLY C 64 -10.99 19.32 -12.79
N ALA C 65 -11.66 18.72 -11.80
CA ALA C 65 -13.05 18.99 -11.43
C ALA C 65 -13.87 17.71 -11.48
N SER C 66 -14.21 17.23 -12.68
CA SER C 66 -15.03 16.04 -12.84
C SER C 66 -14.76 15.29 -14.14
N THR C 67 -14.79 13.96 -14.09
CA THR C 67 -14.64 13.14 -15.29
C THR C 67 -15.98 12.45 -15.59
N ASP C 68 -16.16 12.01 -16.84
CA ASP C 68 -17.45 11.46 -17.25
C ASP C 68 -17.33 10.20 -18.10
N TYR C 69 -16.31 9.40 -17.85
CA TYR C 69 -16.08 8.21 -18.66
C TYR C 69 -15.34 7.12 -17.90
N TRP C 70 -15.80 5.89 -18.08
CA TRP C 70 -15.19 4.74 -17.41
C TRP C 70 -14.76 3.69 -18.43
N GLN C 71 -13.47 3.36 -18.43
CA GLN C 71 -12.91 2.36 -19.32
C GLN C 71 -12.56 1.08 -18.55
N ASN C 72 -13.04 -0.05 -19.05
CA ASN C 72 -12.77 -1.34 -18.41
C ASN C 72 -12.80 -2.47 -19.42
N TRP C 73 -11.63 -2.76 -20.02
CA TRP C 73 -11.54 -3.78 -21.05
C TRP C 73 -10.50 -4.85 -20.71
N THR C 74 -10.89 -6.11 -20.88
CA THR C 74 -9.99 -7.24 -20.66
C THR C 74 -10.11 -8.24 -21.81
N ASP C 75 -9.01 -8.45 -22.52
CA ASP C 75 -9.00 -9.30 -23.71
C ASP C 75 -9.63 -10.67 -23.45
N GLY C 76 -9.36 -11.25 -22.29
CA GLY C 76 -9.92 -12.54 -21.94
C GLY C 76 -9.16 -13.26 -20.84
N GLY C 77 -7.89 -13.57 -21.11
CA GLY C 77 -7.07 -14.30 -20.16
C GLY C 77 -6.91 -13.60 -18.82
N GLY C 78 -6.79 -14.39 -17.77
CA GLY C 78 -6.57 -13.86 -16.43
C GLY C 78 -7.78 -13.16 -15.83
N ILE C 79 -7.59 -12.59 -14.65
CA ILE C 79 -8.66 -11.89 -13.94
C ILE C 79 -8.29 -10.42 -13.74
N VAL C 80 -9.27 -9.55 -13.91
CA VAL C 80 -9.07 -8.12 -13.68
C VAL C 80 -10.21 -7.54 -12.86
N ASN C 81 -9.98 -7.39 -11.55
CA ASN C 81 -10.98 -6.83 -10.65
C ASN C 81 -10.93 -5.31 -10.62
N ALA C 82 -11.46 -4.68 -11.66
CA ALA C 82 -11.48 -3.23 -11.75
C ALA C 82 -12.67 -2.63 -11.00
N VAL C 83 -12.42 -1.56 -10.26
CA VAL C 83 -13.47 -0.92 -9.48
C VAL C 83 -13.71 0.52 -9.93
N ASN C 84 -14.91 0.78 -10.45
CA ASN C 84 -15.32 2.14 -10.76
C ASN C 84 -15.67 2.88 -9.47
N GLY C 85 -14.64 3.32 -8.76
CA GLY C 85 -14.82 3.99 -7.49
C GLY C 85 -15.60 5.28 -7.60
N SER C 86 -15.86 5.91 -6.46
CA SER C 86 -16.57 7.18 -6.42
C SER C 86 -15.70 8.29 -6.99
N GLY C 87 -16.33 9.44 -7.26
CA GLY C 87 -15.62 10.59 -7.79
C GLY C 87 -14.70 10.23 -8.93
N GLY C 88 -13.47 10.74 -8.88
CA GLY C 88 -12.48 10.45 -9.90
C GLY C 88 -11.53 9.34 -9.51
N ASN C 89 -11.94 8.53 -8.53
CA ASN C 89 -11.11 7.45 -8.03
C ASN C 89 -11.43 6.10 -8.68
N TYR C 90 -10.39 5.33 -8.98
CA TYR C 90 -10.56 3.97 -9.47
C TYR C 90 -9.37 3.11 -9.04
N SER C 91 -9.62 1.83 -8.80
CA SER C 91 -8.57 0.91 -8.40
C SER C 91 -8.66 -0.40 -9.19
N VAL C 92 -7.52 -1.05 -9.40
CA VAL C 92 -7.49 -2.26 -10.22
C VAL C 92 -6.72 -3.39 -9.53
N ASN C 93 -7.18 -4.63 -9.75
CA ASN C 93 -6.52 -5.81 -9.22
C ASN C 93 -6.55 -6.97 -10.21
N TRP C 94 -5.45 -7.16 -10.95
CA TRP C 94 -5.38 -8.20 -11.96
C TRP C 94 -4.39 -9.31 -11.59
N SER C 95 -4.49 -10.43 -12.28
CA SER C 95 -3.64 -11.60 -11.99
C SER C 95 -3.57 -12.55 -13.18
N ASN C 96 -2.35 -12.92 -13.55
CA ASN C 96 -2.13 -13.84 -14.67
C ASN C 96 -2.96 -13.46 -15.89
N THR C 97 -2.93 -12.17 -16.24
CA THR C 97 -3.79 -11.66 -17.31
C THR C 97 -3.07 -11.60 -18.65
N GLY C 98 -3.81 -11.18 -19.68
CA GLY C 98 -3.24 -10.90 -20.97
C GLY C 98 -3.20 -9.39 -21.15
N ASN C 99 -3.84 -8.89 -22.20
CA ASN C 99 -3.94 -7.45 -22.41
C ASN C 99 -5.20 -6.88 -21.76
N PHE C 100 -5.10 -5.68 -21.21
CA PHE C 100 -6.24 -5.03 -20.58
C PHE C 100 -5.97 -3.55 -20.31
N VAL C 101 -7.04 -2.75 -20.27
CA VAL C 101 -6.92 -1.33 -20.00
C VAL C 101 -8.07 -0.83 -19.14
N VAL C 102 -7.74 -0.29 -17.96
CA VAL C 102 -8.75 0.26 -17.06
C VAL C 102 -8.39 1.69 -16.68
N GLY C 103 -9.38 2.56 -16.64
CA GLY C 103 -9.13 3.94 -16.26
C GLY C 103 -10.32 4.88 -16.37
N LYS C 104 -10.25 5.97 -15.61
CA LYS C 104 -11.25 7.04 -15.69
C LYS C 104 -10.74 8.16 -16.59
N GLY C 105 -11.66 8.87 -17.21
CA GLY C 105 -11.29 9.96 -18.09
C GLY C 105 -12.47 10.71 -18.69
N TRP C 106 -12.38 11.00 -19.98
CA TRP C 106 -13.41 11.77 -20.66
C TRP C 106 -13.83 11.09 -21.96
N THR C 107 -15.12 11.23 -22.30
CA THR C 107 -15.67 10.58 -23.49
C THR C 107 -15.14 11.22 -24.77
N THR C 108 -14.86 12.52 -24.70
CA THR C 108 -14.32 13.24 -25.84
C THR C 108 -12.96 13.85 -25.51
N GLY C 109 -11.96 13.52 -26.30
CA GLY C 109 -10.60 13.97 -26.07
C GLY C 109 -10.40 15.45 -26.34
N SER C 110 -9.38 16.03 -25.74
CA SER C 110 -9.05 17.44 -25.93
C SER C 110 -7.55 17.65 -25.89
N PRO C 111 -6.99 18.25 -26.95
CA PRO C 111 -5.56 18.51 -27.04
C PRO C 111 -5.10 19.51 -25.97
N PHE C 112 -6.04 20.08 -25.24
CA PHE C 112 -5.74 21.13 -24.27
C PHE C 112 -6.02 20.73 -22.84
N ARG C 113 -6.34 19.44 -22.63
CA ARG C 113 -6.64 18.96 -21.29
C ARG C 113 -5.40 18.92 -20.39
N THR C 114 -5.55 19.44 -19.19
CA THR C 114 -4.53 19.32 -18.16
C THR C 114 -4.99 18.27 -17.16
N ILE C 115 -4.24 17.18 -17.05
CA ILE C 115 -4.65 16.06 -16.19
C ILE C 115 -3.92 16.06 -14.85
N ASN C 116 -4.65 16.39 -13.79
CA ASN C 116 -4.13 16.31 -12.44
C ASN C 116 -4.57 14.99 -11.80
N TYR C 117 -3.60 14.15 -11.45
CA TYR C 117 -3.92 12.83 -10.91
C TYR C 117 -3.02 12.45 -9.74
N ASN C 118 -3.47 11.48 -8.95
CA ASN C 118 -2.69 10.94 -7.85
C ASN C 118 -2.71 9.42 -7.85
N ALA C 119 -1.55 8.81 -8.05
CA ALA C 119 -1.43 7.36 -8.07
C ALA C 119 -1.13 6.83 -6.67
N GLY C 120 -2.17 6.74 -5.85
CA GLY C 120 -2.03 6.24 -4.49
C GLY C 120 -1.33 4.90 -4.45
N VAL C 121 -1.66 4.04 -5.42
CA VAL C 121 -1.04 2.71 -5.48
C VAL C 121 -0.59 2.37 -6.89
N TRP C 122 0.71 2.11 -7.04
CA TRP C 122 1.27 1.64 -8.30
C TRP C 122 2.24 0.49 -8.05
N ALA C 123 1.70 -0.72 -7.99
CA ALA C 123 2.49 -1.89 -7.63
C ALA C 123 2.08 -3.13 -8.42
N PRO C 124 2.66 -3.31 -9.62
CA PRO C 124 2.44 -4.50 -10.45
C PRO C 124 3.65 -5.41 -10.50
N ASN C 125 3.42 -6.70 -10.71
CA ASN C 125 4.50 -7.65 -10.95
C ASN C 125 4.59 -7.95 -12.44
N GLY C 126 5.60 -7.40 -13.11
CA GLY C 126 5.76 -7.60 -14.53
C GLY C 126 5.49 -6.36 -15.35
N ASN C 127 4.80 -6.52 -16.48
CA ASN C 127 4.55 -5.42 -17.40
C ASN C 127 3.22 -4.71 -17.21
N GLY C 128 3.29 -3.43 -16.87
CA GLY C 128 2.09 -2.61 -16.72
C GLY C 128 2.41 -1.15 -16.98
N TYR C 129 1.41 -0.37 -17.37
CA TYR C 129 1.62 1.04 -17.67
C TYR C 129 0.76 1.98 -16.82
N LEU C 130 1.39 3.04 -16.32
CA LEU C 130 0.67 4.15 -15.73
C LEU C 130 0.66 5.26 -16.76
N THR C 131 -0.28 5.19 -17.70
CA THR C 131 -0.22 6.01 -18.91
C THR C 131 -1.50 6.76 -19.23
N LEU C 132 -1.35 7.88 -19.92
CA LEU C 132 -2.47 8.59 -20.52
C LEU C 132 -2.80 7.89 -21.83
N TYR C 133 -4.08 7.58 -22.04
CA TYR C 133 -4.48 6.78 -23.19
C TYR C 133 -5.74 7.31 -23.84
N GLY C 134 -5.68 7.54 -25.14
CA GLY C 134 -6.81 8.09 -25.88
C GLY C 134 -6.81 7.74 -27.35
N TRP C 135 -7.84 8.21 -28.06
CA TRP C 135 -7.99 7.94 -29.48
C TRP C 135 -8.45 9.16 -30.27
N THR C 136 -8.16 9.16 -31.57
CA THR C 136 -8.69 10.16 -32.49
C THR C 136 -9.01 9.50 -33.82
N ARG C 137 -9.94 10.08 -34.57
CA ARG C 137 -10.26 9.60 -35.90
C ARG C 137 -10.01 10.69 -36.93
N SER C 138 -9.85 10.29 -38.18
CA SER C 138 -9.60 11.23 -39.27
C SER C 138 -8.36 12.09 -38.98
N PRO C 139 -7.18 11.46 -38.94
CA PRO C 139 -6.97 10.02 -39.10
C PRO C 139 -7.13 9.26 -37.78
N LEU C 140 -7.05 7.93 -37.85
CA LEU C 140 -7.17 7.08 -36.67
C LEU C 140 -5.82 6.90 -35.98
N ILE C 141 -5.63 7.56 -34.83
CA ILE C 141 -4.38 7.43 -34.10
C ILE C 141 -4.61 7.05 -32.64
N GLU C 142 -3.74 6.19 -32.11
CA GLU C 142 -3.79 5.77 -30.72
C GLU C 142 -2.59 6.36 -29.99
N TYR C 143 -2.84 7.26 -29.06
CA TYR C 143 -1.76 7.98 -28.40
C TYR C 143 -1.49 7.55 -26.95
N TYR C 144 -0.29 7.88 -26.46
CA TYR C 144 0.15 7.47 -25.14
C TYR C 144 0.98 8.55 -24.45
N VAL C 145 0.83 8.64 -23.14
CA VAL C 145 1.74 9.44 -22.31
C VAL C 145 2.10 8.62 -21.07
N VAL C 146 3.19 7.86 -21.18
CA VAL C 146 3.60 6.93 -20.14
C VAL C 146 4.45 7.60 -19.06
N ASP C 147 3.91 7.65 -17.85
CA ASP C 147 4.64 8.24 -16.72
C ASP C 147 5.41 7.19 -15.93
N SER C 148 4.82 6.00 -15.80
CA SER C 148 5.47 4.92 -15.07
C SER C 148 5.09 3.55 -15.66
N TRP C 149 5.86 2.53 -15.30
CA TRP C 149 5.62 1.19 -15.79
C TRP C 149 6.09 0.12 -14.81
N GLY C 150 6.18 -1.12 -15.30
CA GLY C 150 6.62 -2.23 -14.47
C GLY C 150 8.04 -2.66 -14.78
N THR C 151 8.19 -3.88 -15.28
CA THR C 151 9.50 -4.43 -15.57
C THR C 151 10.01 -4.05 -16.96
N TYR C 152 9.12 -3.52 -17.79
CA TYR C 152 9.49 -3.15 -19.15
C TYR C 152 9.03 -1.75 -19.56
N ARG C 153 9.99 -0.92 -19.95
CA ARG C 153 9.71 0.41 -20.46
C ARG C 153 9.38 0.34 -21.94
N PRO C 154 8.19 0.84 -22.32
CA PRO C 154 7.75 0.83 -23.73
C PRO C 154 8.70 1.63 -24.62
N THR C 155 8.84 1.21 -25.87
CA THR C 155 9.68 1.89 -26.83
C THR C 155 9.15 1.78 -28.26
N GLY C 156 9.79 2.49 -29.18
CA GLY C 156 9.40 2.47 -30.58
C GLY C 156 10.41 3.23 -31.41
N THR C 157 9.96 3.79 -32.53
CA THR C 157 10.83 4.57 -33.39
C THR C 157 11.03 5.97 -32.83
N TYR C 158 12.24 6.24 -32.34
CA TYR C 158 12.56 7.53 -31.73
C TYR C 158 12.36 8.69 -32.70
N LYS C 159 11.66 9.72 -32.23
CA LYS C 159 11.38 10.90 -33.05
C LYS C 159 11.90 12.18 -32.41
N GLY C 160 12.34 12.08 -31.16
CA GLY C 160 12.85 13.23 -30.44
C GLY C 160 12.45 13.20 -28.99
N THR C 161 12.69 14.30 -28.29
CA THR C 161 12.33 14.40 -26.88
C THR C 161 11.48 15.63 -26.61
N VAL C 162 10.86 15.66 -25.42
CA VAL C 162 10.05 16.80 -25.02
C VAL C 162 9.98 16.89 -23.49
N LYS C 163 10.27 18.07 -22.96
CA LYS C 163 10.23 18.30 -21.53
C LYS C 163 8.90 18.90 -21.11
N SER C 164 8.29 18.32 -20.09
CA SER C 164 6.99 18.79 -19.62
C SER C 164 6.68 18.27 -18.21
N ASP C 165 6.21 19.17 -17.35
CA ASP C 165 5.80 18.79 -16.00
C ASP C 165 6.94 18.17 -15.21
N GLY C 166 8.11 18.79 -15.28
CA GLY C 166 9.28 18.35 -14.52
C GLY C 166 9.82 17.01 -14.96
N GLY C 167 9.49 16.60 -16.18
CA GLY C 167 9.96 15.34 -16.70
C GLY C 167 10.25 15.36 -18.18
N THR C 168 11.23 14.58 -18.62
CA THR C 168 11.60 14.50 -20.03
C THR C 168 11.07 13.20 -20.63
N TYR C 169 10.25 13.32 -21.67
CA TYR C 169 9.66 12.16 -22.33
C TYR C 169 10.26 11.93 -23.70
N ASP C 170 10.52 10.67 -24.02
CA ASP C 170 10.96 10.30 -25.36
C ASP C 170 9.76 10.19 -26.28
N ILE C 171 9.89 10.72 -27.49
CA ILE C 171 8.81 10.66 -28.48
C ILE C 171 8.99 9.46 -29.39
N TYR C 172 8.04 8.53 -29.34
CA TYR C 172 8.10 7.32 -30.15
C TYR C 172 6.89 7.18 -31.07
N THR C 173 7.05 6.36 -32.10
CA THR C 173 5.95 6.01 -32.98
C THR C 173 6.02 4.53 -33.35
N THR C 174 4.89 3.86 -33.29
CA THR C 174 4.81 2.44 -33.64
C THR C 174 3.54 2.16 -34.44
N THR C 175 3.58 1.12 -35.26
CA THR C 175 2.44 0.73 -36.09
C THR C 175 1.80 -0.55 -35.55
N ARG C 176 0.51 -0.72 -35.78
CA ARG C 176 -0.20 -1.85 -35.21
C ARG C 176 -1.12 -2.60 -36.19
N TYR C 177 -0.93 -3.92 -36.22
CA TYR C 177 -1.93 -4.85 -36.78
C TYR C 177 -1.93 -5.17 -38.27
N ASN C 178 -2.84 -6.04 -38.68
CA ASN C 178 -2.94 -6.44 -40.08
C ASN C 178 -4.32 -6.13 -40.66
N ALA C 179 -4.70 -6.85 -41.70
CA ALA C 179 -6.00 -6.66 -42.35
C ALA C 179 -6.72 -7.99 -42.54
N PRO C 180 -7.59 -8.04 -43.55
CA PRO C 180 -7.84 -6.88 -44.40
C PRO C 180 -9.31 -6.45 -44.36
N SER C 181 -10.09 -6.90 -45.33
CA SER C 181 -11.50 -6.55 -45.39
C SER C 181 -12.27 -7.17 -44.23
N ILE C 182 -13.16 -6.38 -43.63
CA ILE C 182 -13.96 -6.84 -42.51
C ILE C 182 -13.68 -6.01 -41.26
#